data_4FYK
#
_entry.id   4FYK
#
_cell.length_a   86.380
_cell.length_b   128.772
_cell.length_c   57.506
_cell.angle_alpha   90.00
_cell.angle_beta   90.00
_cell.angle_gamma   90.00
#
_symmetry.space_group_name_H-M   'P 21 21 2'
#
loop_
_entity.id
_entity.type
_entity.pdbx_description
1 polymer "Deoxyribonucleoside 5'-monophosphate N-glycosidase"
2 non-polymer "ADENOSINE -5'-THIO-MONOPHOSPHATE"
3 non-polymer 'SULFATE ION'
4 water water
#
_entity_poly.entity_id   1
_entity_poly.type   'polypeptide(L)'
_entity_poly.pdbx_seq_one_letter_code
;MRRSVYFCGSIRGGREDQALYARIVSRLRRYGKVLTEHVADAELEPLGEEAAGGDQFIHEQNLNWLQQADVVVAEVTQPS
LGVGYELGRAVALGKPILCLFRPQSGRVLSAMIRGAADGSRFQVWDYAEGEVETMLDRYFEAYLVEHHHHHH
;
_entity_poly.pdbx_strand_id   A,B,C,D
#
# COMPACT_ATOMS: atom_id res chain seq x y z
N ARG A 3 53.68 12.72 -28.47
CA ARG A 3 52.29 13.07 -28.04
C ARG A 3 52.15 12.91 -26.51
N SER A 4 51.55 13.93 -25.87
CA SER A 4 51.28 13.90 -24.44
C SER A 4 49.78 13.72 -24.21
N VAL A 5 49.43 12.91 -23.21
CA VAL A 5 48.05 12.58 -22.92
C VAL A 5 47.73 12.86 -21.47
N TYR A 6 46.62 13.56 -21.22
CA TYR A 6 46.15 13.85 -19.86
C TYR A 6 44.92 12.98 -19.58
N PHE A 7 44.98 12.18 -18.52
CA PHE A 7 43.84 11.34 -18.14
C PHE A 7 43.05 11.88 -16.94
N CYS A 8 41.72 11.85 -17.04
CA CYS A 8 40.80 12.34 -16.00
C CYS A 8 39.91 11.20 -15.52
N GLY A 9 39.75 11.07 -14.21
CA GLY A 9 38.86 10.05 -13.65
C GLY A 9 38.55 10.40 -12.21
N SER A 10 37.32 10.13 -11.78
CA SER A 10 36.86 10.44 -10.43
C SER A 10 37.80 9.91 -9.33
N ILE A 11 38.02 10.75 -8.31
CA ILE A 11 38.76 10.34 -7.13
C ILE A 11 37.88 10.58 -5.89
N ARG A 12 37.79 11.83 -5.42
CA ARG A 12 36.92 12.12 -4.27
C ARG A 12 35.45 12.06 -4.66
N GLY A 13 35.15 12.16 -5.96
CA GLY A 13 33.80 11.90 -6.46
C GLY A 13 33.35 10.47 -6.21
N GLY A 14 34.31 9.57 -5.98
CA GLY A 14 34.03 8.15 -5.78
C GLY A 14 35.05 7.35 -6.56
N ARG A 15 35.57 6.28 -5.95
CA ARG A 15 36.63 5.48 -6.57
C ARG A 15 36.15 4.13 -7.12
N GLU A 16 34.83 4.02 -7.35
CA GLU A 16 34.24 2.77 -7.87
C GLU A 16 34.95 2.24 -9.12
N ASP A 17 35.36 3.13 -10.04
CA ASP A 17 35.99 2.72 -11.29
C ASP A 17 37.54 2.77 -11.27
N GLN A 18 38.14 2.86 -10.08
CA GLN A 18 39.61 3.03 -9.98
C GLN A 18 40.39 1.94 -10.73
N ALA A 19 39.94 0.70 -10.65
CA ALA A 19 40.61 -0.42 -11.34
C ALA A 19 40.57 -0.30 -12.87
N LEU A 20 39.43 0.13 -13.40
CA LEU A 20 39.28 0.43 -14.83
C LEU A 20 40.21 1.56 -15.27
N TYR A 21 40.31 2.62 -14.47
CA TYR A 21 41.20 3.74 -14.78
C TYR A 21 42.64 3.29 -14.96
N ALA A 22 43.10 2.38 -14.11
CA ALA A 22 44.46 1.85 -14.18
C ALA A 22 44.70 1.12 -15.50
N ARG A 23 43.69 0.41 -15.99
CA ARG A 23 43.78 -0.28 -17.27
C ARG A 23 43.77 0.72 -18.42
N ILE A 24 43.00 1.80 -18.29
CA ILE A 24 42.99 2.83 -19.32
C ILE A 24 44.36 3.50 -19.40
N VAL A 25 44.94 3.85 -18.25
CA VAL A 25 46.23 4.54 -18.21
C VAL A 25 47.33 3.67 -18.82
N SER A 26 47.32 2.38 -18.47
CA SER A 26 48.26 1.41 -19.06
C SER A 26 48.14 1.33 -20.58
N ARG A 27 46.91 1.35 -21.11
CA ARG A 27 46.73 1.31 -22.56
C ARG A 27 47.14 2.62 -23.23
N LEU A 28 46.90 3.76 -22.58
CA LEU A 28 47.29 5.06 -23.14
C LEU A 28 48.80 5.18 -23.32
N ARG A 29 49.56 4.44 -22.53
CA ARG A 29 51.03 4.50 -22.61
C ARG A 29 51.60 4.06 -23.97
N ARG A 30 50.84 3.31 -24.76
CA ARG A 30 51.32 2.93 -26.09
C ARG A 30 51.02 3.99 -27.16
N TYR A 31 50.22 5.00 -26.80
CA TYR A 31 49.86 6.07 -27.73
C TYR A 31 50.51 7.40 -27.39
N GLY A 32 51.10 7.51 -26.21
CA GLY A 32 51.85 8.71 -25.85
C GLY A 32 52.37 8.71 -24.42
N LYS A 33 53.03 9.80 -24.06
CA LYS A 33 53.46 10.01 -22.69
C LYS A 33 52.25 10.41 -21.86
N VAL A 34 51.93 9.62 -20.84
CA VAL A 34 50.85 9.96 -19.93
C VAL A 34 51.41 10.91 -18.88
N LEU A 35 51.00 12.17 -18.93
CA LEU A 35 51.55 13.22 -18.07
C LEU A 35 51.02 13.12 -16.65
N THR A 36 49.81 12.63 -16.51
CA THR A 36 49.12 12.64 -15.24
C THR A 36 49.66 11.59 -14.29
N GLU A 37 49.61 11.93 -13.00
CA GLU A 37 49.92 11.01 -11.92
C GLU A 37 48.64 10.84 -11.09
N HIS A 38 47.59 10.42 -11.79
CA HIS A 38 46.30 10.11 -11.20
C HIS A 38 46.44 9.07 -10.09
N ALA A 52 51.41 15.01 1.58
CA ALA A 52 50.26 15.81 1.18
C ALA A 52 50.66 17.26 0.92
N GLY A 53 50.90 17.57 -0.36
CA GLY A 53 51.22 18.94 -0.79
C GLY A 53 50.02 19.88 -0.72
N GLY A 54 48.84 19.31 -0.50
CA GLY A 54 47.61 20.07 -0.43
C GLY A 54 46.97 20.21 -1.79
N ASP A 55 45.73 20.69 -1.79
CA ASP A 55 44.96 20.78 -3.03
C ASP A 55 45.42 21.92 -3.94
N GLN A 56 46.05 22.95 -3.38
CA GLN A 56 46.62 24.04 -4.18
C GLN A 56 47.70 23.47 -5.10
N PHE A 57 48.56 22.64 -4.52
CA PHE A 57 49.62 21.98 -5.27
C PHE A 57 49.07 21.06 -6.36
N ILE A 58 48.06 20.28 -6.03
CA ILE A 58 47.45 19.35 -6.99
C ILE A 58 46.89 20.14 -8.16
N HIS A 59 46.16 21.21 -7.86
CA HIS A 59 45.52 22.03 -8.90
C HIS A 59 46.56 22.66 -9.84
N GLU A 60 47.60 23.27 -9.27
CA GLU A 60 48.60 23.91 -10.11
C GLU A 60 49.41 22.93 -10.97
N GLN A 61 49.82 21.82 -10.35
CA GLN A 61 50.51 20.73 -11.05
C GLN A 61 49.67 20.22 -12.22
N ASN A 62 48.39 20.01 -11.97
CA ASN A 62 47.49 19.47 -12.99
C ASN A 62 47.23 20.46 -14.11
N LEU A 63 47.03 21.74 -13.77
CA LEU A 63 46.81 22.76 -14.79
C LEU A 63 47.99 22.87 -15.73
N ASN A 64 49.19 22.80 -15.16
CA ASN A 64 50.42 22.80 -15.95
C ASN A 64 50.45 21.60 -16.90
N TRP A 65 50.11 20.43 -16.40
CA TRP A 65 50.03 19.26 -17.25
C TRP A 65 48.97 19.41 -18.35
N LEU A 66 47.81 19.97 -18.00
CA LEU A 66 46.72 20.14 -18.97
C LEU A 66 47.14 21.07 -20.12
N GLN A 67 47.85 22.15 -19.78
CA GLN A 67 48.40 23.08 -20.79
C GLN A 67 49.37 22.38 -21.77
N GLN A 68 50.12 21.41 -21.26
CA GLN A 68 51.16 20.70 -22.02
C GLN A 68 50.57 19.55 -22.86
N ALA A 69 49.37 19.11 -22.49
CA ALA A 69 48.77 17.94 -23.11
C ALA A 69 48.41 18.18 -24.58
N ASP A 70 48.62 17.15 -25.39
CA ASP A 70 48.17 17.15 -26.78
C ASP A 70 46.73 16.65 -26.90
N VAL A 71 46.33 15.76 -25.98
CA VAL A 71 44.99 15.18 -25.99
C VAL A 71 44.56 14.87 -24.56
N VAL A 72 43.27 14.97 -24.30
CA VAL A 72 42.70 14.74 -22.98
C VAL A 72 41.68 13.60 -23.08
N VAL A 73 41.85 12.60 -22.23
CA VAL A 73 40.95 11.45 -22.18
C VAL A 73 40.36 11.38 -20.78
N ALA A 74 39.03 11.27 -20.71
CA ALA A 74 38.31 11.22 -19.44
C ALA A 74 37.31 10.07 -19.43
N GLU A 75 37.27 9.33 -18.32
CA GLU A 75 36.24 8.31 -18.11
C GLU A 75 35.18 8.98 -17.24
N VAL A 76 34.02 9.23 -17.84
CA VAL A 76 33.02 10.12 -17.23
C VAL A 76 31.79 9.39 -16.67
N THR A 77 31.94 8.09 -16.42
CA THR A 77 30.82 7.30 -15.89
C THR A 77 30.47 7.68 -14.44
N GLN A 78 31.49 7.88 -13.61
CA GLN A 78 31.29 8.29 -12.23
C GLN A 78 31.26 9.81 -12.13
N PRO A 79 30.15 10.40 -11.64
CA PRO A 79 30.09 11.85 -11.55
C PRO A 79 31.17 12.43 -10.62
N SER A 80 31.80 13.52 -11.06
CA SER A 80 32.94 14.08 -10.34
C SER A 80 33.15 15.54 -10.74
N LEU A 81 33.22 16.42 -9.75
CA LEU A 81 33.42 17.84 -10.01
C LEU A 81 34.76 18.11 -10.69
N GLY A 82 35.78 17.37 -10.26
CA GLY A 82 37.14 17.62 -10.72
C GLY A 82 37.33 17.20 -12.16
N VAL A 83 36.73 16.06 -12.54
CA VAL A 83 36.71 15.62 -13.94
C VAL A 83 36.01 16.65 -14.82
N GLY A 84 34.84 17.10 -14.39
CA GLY A 84 34.12 18.16 -15.12
C GLY A 84 34.96 19.43 -15.27
N TYR A 85 35.61 19.83 -14.19
CA TYR A 85 36.43 21.02 -14.17
C TYR A 85 37.62 20.91 -15.12
N GLU A 86 38.30 19.77 -15.09
CA GLU A 86 39.39 19.52 -16.03
C GLU A 86 38.92 19.62 -17.48
N LEU A 87 37.76 19.05 -17.78
CA LEU A 87 37.22 19.09 -19.13
C LEU A 87 36.88 20.52 -19.53
N GLY A 88 36.34 21.29 -18.60
CA GLY A 88 36.04 22.71 -18.85
C GLY A 88 37.28 23.53 -19.16
N ARG A 89 38.32 23.38 -18.33
CA ARG A 89 39.60 24.05 -18.57
C ARG A 89 40.20 23.57 -19.92
N ALA A 90 40.12 22.27 -20.18
CA ALA A 90 40.64 21.67 -21.44
C ALA A 90 39.97 22.23 -22.72
N VAL A 91 38.65 22.32 -22.74
CA VAL A 91 37.92 22.97 -23.84
C VAL A 91 38.40 24.41 -24.05
N ALA A 92 38.51 25.16 -22.96
CA ALA A 92 38.91 26.56 -23.02
C ALA A 92 40.35 26.72 -23.51
N LEU A 93 41.17 25.70 -23.28
CA LEU A 93 42.52 25.65 -23.82
C LEU A 93 42.58 25.18 -25.27
N GLY A 94 41.46 24.73 -25.82
CA GLY A 94 41.40 24.24 -27.20
C GLY A 94 42.00 22.86 -27.39
N LYS A 95 41.99 22.05 -26.33
CA LYS A 95 42.53 20.68 -26.41
C LYS A 95 41.47 19.72 -26.97
N PRO A 96 41.90 18.74 -27.80
CA PRO A 96 40.97 17.71 -28.23
C PRO A 96 40.66 16.78 -27.06
N ILE A 97 39.42 16.32 -26.99
CA ILE A 97 38.91 15.59 -25.84
C ILE A 97 38.17 14.33 -26.28
N LEU A 98 38.42 13.22 -25.58
CA LEU A 98 37.66 11.99 -25.71
C LEU A 98 37.06 11.68 -24.34
N CYS A 99 35.74 11.57 -24.27
CA CYS A 99 35.05 11.11 -23.06
C CYS A 99 34.47 9.71 -23.30
N LEU A 100 34.64 8.84 -22.30
CA LEU A 100 34.19 7.45 -22.37
C LEU A 100 33.16 7.25 -21.26
N PHE A 101 31.98 6.75 -21.65
CA PHE A 101 30.86 6.59 -20.75
C PHE A 101 30.18 5.22 -20.92
N ARG A 102 29.84 4.58 -19.79
CA ARG A 102 29.16 3.28 -19.79
C ARG A 102 27.68 3.39 -19.43
N PRO A 103 26.77 3.29 -20.43
CA PRO A 103 25.34 3.37 -20.15
C PRO A 103 24.81 2.28 -19.19
N GLN A 104 25.50 1.14 -19.08
CA GLN A 104 25.08 0.08 -18.17
C GLN A 104 25.24 0.44 -16.68
N SER A 105 25.90 1.56 -16.39
CA SER A 105 25.92 2.11 -15.03
C SER A 105 24.52 2.44 -14.52
N GLY A 106 23.57 2.64 -15.44
CA GLY A 106 22.22 3.02 -15.09
C GLY A 106 22.05 4.52 -14.89
N ARG A 107 23.13 5.28 -15.10
CA ARG A 107 23.09 6.74 -15.00
C ARG A 107 22.87 7.36 -16.36
N VAL A 108 22.23 8.52 -16.39
CA VAL A 108 22.16 9.33 -17.58
C VAL A 108 23.30 10.33 -17.53
N LEU A 109 24.17 10.28 -18.54
CA LEU A 109 25.33 11.19 -18.58
C LEU A 109 24.90 12.66 -18.55
N SER A 110 25.61 13.41 -17.70
CA SER A 110 25.56 14.87 -17.63
C SER A 110 25.14 15.55 -18.93
N ALA A 111 24.13 16.41 -18.85
CA ALA A 111 23.69 17.21 -19.99
C ALA A 111 24.81 18.10 -20.56
N MET A 112 25.62 18.69 -19.68
CA MET A 112 26.69 19.57 -20.14
C MET A 112 27.81 18.83 -20.84
N ILE A 113 28.15 17.63 -20.37
CA ILE A 113 29.18 16.82 -21.04
C ILE A 113 28.64 16.23 -22.36
N ARG A 114 27.45 15.64 -22.33
CA ARG A 114 26.86 15.10 -23.55
C ARG A 114 26.69 16.21 -24.59
N GLY A 115 26.19 17.37 -24.16
CA GLY A 115 25.93 18.50 -25.06
C GLY A 115 27.16 19.22 -25.56
N ALA A 116 28.31 18.96 -24.95
CA ALA A 116 29.58 19.56 -25.38
C ALA A 116 30.14 18.84 -26.60
N ALA A 117 29.69 17.61 -26.84
CA ALA A 117 30.15 16.80 -27.96
C ALA A 117 29.89 17.51 -29.27
N ASP A 118 30.90 17.54 -30.13
CA ASP A 118 30.74 18.09 -31.46
C ASP A 118 31.20 17.13 -32.57
N GLY A 119 31.56 15.90 -32.22
N GLY A 119 31.62 15.93 -32.20
CA GLY A 119 32.08 14.97 -33.21
CA GLY A 119 32.04 14.90 -33.16
C GLY A 119 33.34 15.51 -33.88
C GLY A 119 33.48 14.97 -33.64
N SER A 120 34.35 15.78 -33.07
N SER A 120 34.26 15.93 -33.13
CA SER A 120 35.68 16.05 -33.59
CA SER A 120 35.65 16.08 -33.59
C SER A 120 36.62 16.58 -32.50
N ARG A 121 36.45 17.83 -32.06
CA ARG A 121 37.29 18.35 -30.97
C ARG A 121 36.80 17.83 -29.59
N PHE A 122 35.54 17.43 -29.50
CA PHE A 122 34.97 16.91 -28.26
C PHE A 122 34.07 15.73 -28.62
N GLN A 123 34.55 14.53 -28.32
CA GLN A 123 33.82 13.30 -28.59
C GLN A 123 33.42 12.59 -27.30
N VAL A 124 32.16 12.13 -27.26
CA VAL A 124 31.64 11.36 -26.14
C VAL A 124 31.16 10.03 -26.71
N TRP A 125 31.82 8.95 -26.33
CA TRP A 125 31.55 7.60 -26.84
C TRP A 125 30.99 6.72 -25.74
N ASP A 126 29.84 6.10 -25.99
CA ASP A 126 29.27 5.09 -25.10
C ASP A 126 30.03 3.79 -25.34
N TYR A 127 30.27 3.02 -24.28
CA TYR A 127 30.96 1.74 -24.40
C TYR A 127 30.51 0.82 -23.27
N ALA A 128 30.74 -0.47 -23.47
CA ALA A 128 30.37 -1.49 -22.51
C ALA A 128 31.63 -2.13 -21.98
N GLU A 129 31.55 -2.67 -20.78
CA GLU A 129 32.65 -3.43 -20.21
C GLU A 129 33.20 -4.37 -21.28
N GLY A 130 34.53 -4.44 -21.36
CA GLY A 130 35.20 -5.28 -22.34
C GLY A 130 35.68 -4.52 -23.57
N GLU A 131 35.17 -3.31 -23.78
CA GLU A 131 35.43 -2.56 -25.01
C GLU A 131 36.41 -1.40 -24.87
N VAL A 132 36.90 -1.10 -23.66
CA VAL A 132 37.62 0.17 -23.47
C VAL A 132 38.91 0.22 -24.29
N GLU A 133 39.69 -0.87 -24.32
CA GLU A 133 40.91 -0.91 -25.13
C GLU A 133 40.62 -0.72 -26.62
N THR A 134 39.60 -1.40 -27.12
CA THR A 134 39.16 -1.25 -28.49
C THR A 134 38.72 0.17 -28.82
N MET A 135 38.01 0.82 -27.90
CA MET A 135 37.61 2.22 -28.10
C MET A 135 38.84 3.14 -28.20
N LEU A 136 39.82 2.90 -27.32
CA LEU A 136 41.06 3.68 -27.31
C LEU A 136 41.86 3.45 -28.60
N ASP A 137 42.02 2.19 -29.01
CA ASP A 137 42.65 1.89 -30.30
C ASP A 137 41.97 2.65 -31.45
N ARG A 138 40.65 2.62 -31.49
CA ARG A 138 39.89 3.26 -32.55
C ARG A 138 40.15 4.76 -32.59
N TYR A 139 40.16 5.40 -31.42
CA TYR A 139 40.39 6.83 -31.34
C TYR A 139 41.80 7.21 -31.79
N PHE A 140 42.80 6.54 -31.24
CA PHE A 140 44.21 6.91 -31.50
C PHE A 140 44.75 6.42 -32.84
N GLU A 141 44.21 5.32 -33.35
CA GLU A 141 44.65 4.76 -34.63
C GLU A 141 43.62 5.08 -35.71
N ARG B 3 22.83 43.56 -12.93
CA ARG B 3 23.78 42.50 -12.45
C ARG B 3 23.20 41.08 -12.65
N SER B 4 24.00 40.20 -13.26
CA SER B 4 23.52 38.90 -13.72
C SER B 4 24.24 37.79 -12.95
N VAL B 5 23.51 36.73 -12.58
CA VAL B 5 24.12 35.62 -11.81
C VAL B 5 23.81 34.30 -12.48
N TYR B 6 24.82 33.45 -12.57
CA TYR B 6 24.68 32.08 -13.07
C TYR B 6 24.79 31.13 -11.88
N PHE B 7 23.76 30.31 -11.64
CA PHE B 7 23.79 29.34 -10.55
C PHE B 7 24.01 27.92 -11.07
N CYS B 8 24.96 27.21 -10.46
CA CYS B 8 25.31 25.81 -10.81
C CYS B 8 24.92 24.85 -9.67
N GLY B 9 24.31 23.72 -10.03
CA GLY B 9 23.96 22.70 -9.04
C GLY B 9 23.60 21.40 -9.75
N SER B 10 24.02 20.29 -9.15
CA SER B 10 23.88 18.95 -9.71
C SER B 10 22.44 18.64 -10.12
N ILE B 11 22.28 18.06 -11.32
CA ILE B 11 20.99 17.56 -11.79
C ILE B 11 21.15 16.08 -12.06
N ARG B 12 21.79 15.70 -13.17
CA ARG B 12 21.98 14.28 -13.43
C ARG B 12 23.00 13.63 -12.49
N GLY B 13 23.85 14.42 -11.85
CA GLY B 13 24.73 13.90 -10.81
C GLY B 13 23.96 13.42 -9.58
N GLY B 14 22.71 13.87 -9.47
CA GLY B 14 21.85 13.55 -8.33
C GLY B 14 21.10 14.81 -7.92
N ARG B 15 19.82 14.66 -7.55
CA ARG B 15 19.01 15.81 -7.16
C ARG B 15 18.78 15.91 -5.65
N GLU B 16 19.68 15.29 -4.88
CA GLU B 16 19.63 15.29 -3.40
C GLU B 16 19.42 16.68 -2.78
N ASP B 17 20.11 17.68 -3.32
CA ASP B 17 20.08 19.04 -2.74
C ASP B 17 19.16 20.01 -3.48
N GLN B 18 18.21 19.50 -4.26
CA GLN B 18 17.37 20.36 -5.10
C GLN B 18 16.58 21.40 -4.29
N ALA B 19 16.16 21.03 -3.08
CA ALA B 19 15.39 21.96 -2.24
C ALA B 19 16.28 23.11 -1.76
N LEU B 20 17.53 22.79 -1.47
CA LEU B 20 18.52 23.78 -1.09
C LEU B 20 18.85 24.71 -2.26
N TYR B 21 18.96 24.16 -3.47
CA TYR B 21 19.21 24.97 -4.67
C TYR B 21 18.10 26.00 -4.86
N ALA B 22 16.84 25.58 -4.68
CA ALA B 22 15.71 26.52 -4.78
C ALA B 22 15.79 27.65 -3.75
N ARG B 23 16.25 27.35 -2.54
CA ARG B 23 16.48 28.41 -1.53
C ARG B 23 17.59 29.37 -1.91
N ILE B 24 18.66 28.84 -2.51
CA ILE B 24 19.75 29.66 -3.01
C ILE B 24 19.26 30.61 -4.10
N VAL B 25 18.54 30.05 -5.09
CA VAL B 25 18.09 30.84 -6.22
C VAL B 25 17.17 31.98 -5.76
N SER B 26 16.25 31.67 -4.86
CA SER B 26 15.33 32.66 -4.26
C SER B 26 16.10 33.83 -3.63
N ARG B 27 17.14 33.50 -2.88
CA ARG B 27 17.96 34.51 -2.21
C ARG B 27 18.79 35.34 -3.19
N LEU B 28 19.35 34.68 -4.22
CA LEU B 28 20.11 35.39 -5.27
C LEU B 28 19.30 36.47 -6.01
N ARG B 29 18.00 36.29 -6.14
CA ARG B 29 17.15 37.28 -6.83
C ARG B 29 17.19 38.66 -6.19
N ARG B 30 17.55 38.73 -4.92
CA ARG B 30 17.76 40.00 -4.22
C ARG B 30 18.97 40.76 -4.73
N TYR B 31 19.93 40.04 -5.30
CA TYR B 31 21.24 40.59 -5.64
C TYR B 31 21.49 40.72 -7.14
N GLY B 32 20.57 40.21 -7.95
CA GLY B 32 20.74 40.27 -9.39
C GLY B 32 19.76 39.40 -10.15
N LYS B 33 19.85 39.45 -11.48
CA LYS B 33 19.05 38.60 -12.34
C LYS B 33 19.69 37.21 -12.43
N VAL B 34 18.93 36.18 -12.07
CA VAL B 34 19.41 34.81 -12.13
C VAL B 34 19.16 34.25 -13.53
N LEU B 35 20.23 34.04 -14.28
CA LEU B 35 20.13 33.62 -15.69
C LEU B 35 19.66 32.19 -15.87
N THR B 36 20.02 31.34 -14.92
CA THR B 36 19.77 29.91 -15.03
C THR B 36 18.40 29.55 -14.47
N GLY B 54 18.59 17.39 -27.47
CA GLY B 54 18.21 18.14 -26.28
C GLY B 54 19.43 18.71 -25.57
N ASP B 55 20.40 17.86 -25.29
CA ASP B 55 21.58 18.26 -24.51
C ASP B 55 22.44 19.29 -25.23
N GLN B 56 22.55 19.14 -26.55
CA GLN B 56 23.29 20.11 -27.36
C GLN B 56 22.71 21.52 -27.18
N PHE B 57 21.39 21.60 -27.18
CA PHE B 57 20.68 22.86 -26.95
C PHE B 57 20.97 23.41 -25.53
N ILE B 58 20.91 22.54 -24.54
CA ILE B 58 21.14 22.93 -23.15
C ILE B 58 22.54 23.49 -22.97
N HIS B 59 23.53 22.82 -23.54
CA HIS B 59 24.91 23.27 -23.45
C HIS B 59 25.14 24.64 -24.11
N GLU B 60 24.55 24.86 -25.27
CA GLU B 60 24.77 26.12 -26.00
C GLU B 60 24.08 27.27 -25.25
N GLN B 61 22.84 27.03 -24.82
CA GLN B 61 22.08 27.99 -24.04
C GLN B 61 22.82 28.38 -22.77
N ASN B 62 23.34 27.39 -22.05
CA ASN B 62 24.04 27.62 -20.79
C ASN B 62 25.36 28.33 -20.97
N LEU B 63 26.12 27.96 -22.01
CA LEU B 63 27.37 28.68 -22.30
C LEU B 63 27.11 30.16 -22.63
N ASN B 64 26.02 30.44 -23.33
CA ASN B 64 25.66 31.81 -23.64
C ASN B 64 25.39 32.62 -22.36
N TRP B 65 24.67 31.99 -21.42
CA TRP B 65 24.38 32.62 -20.14
C TRP B 65 25.63 32.81 -19.31
N LEU B 66 26.48 31.78 -19.30
CA LEU B 66 27.72 31.82 -18.55
C LEU B 66 28.61 32.96 -19.01
N GLN B 67 28.67 33.17 -20.33
CA GLN B 67 29.51 34.22 -20.91
C GLN B 67 29.03 35.62 -20.51
N GLN B 68 27.72 35.76 -20.31
CA GLN B 68 27.15 37.06 -19.92
C GLN B 68 27.14 37.32 -18.42
N ALA B 69 27.32 36.28 -17.60
CA ALA B 69 27.16 36.39 -16.16
C ALA B 69 28.23 37.26 -15.52
N ASP B 70 27.82 38.10 -14.57
CA ASP B 70 28.76 38.88 -13.79
C ASP B 70 29.40 38.07 -12.67
N VAL B 71 28.62 37.15 -12.08
CA VAL B 71 29.10 36.25 -11.02
C VAL B 71 28.54 34.84 -11.20
N VAL B 72 29.35 33.84 -10.84
CA VAL B 72 28.96 32.44 -10.90
C VAL B 72 28.91 31.90 -9.47
N VAL B 73 27.78 31.30 -9.11
CA VAL B 73 27.57 30.69 -7.79
C VAL B 73 27.30 29.20 -7.99
N ALA B 74 27.99 28.37 -7.21
CA ALA B 74 27.80 26.93 -7.30
C ALA B 74 27.69 26.32 -5.91
N GLU B 75 26.73 25.42 -5.74
CA GLU B 75 26.66 24.57 -4.56
C GLU B 75 27.32 23.25 -4.97
N VAL B 76 28.48 22.98 -4.38
CA VAL B 76 29.35 21.88 -4.83
C VAL B 76 29.39 20.65 -3.91
N THR B 77 28.37 20.47 -3.07
CA THR B 77 28.33 19.35 -2.13
C THR B 77 28.10 18.02 -2.84
N GLN B 78 27.14 18.00 -3.77
CA GLN B 78 26.86 16.81 -4.56
C GLN B 78 27.82 16.79 -5.75
N PRO B 79 28.62 15.71 -5.91
CA PRO B 79 29.52 15.71 -7.07
C PRO B 79 28.76 15.63 -8.41
N SER B 80 29.21 16.42 -9.39
CA SER B 80 28.54 16.54 -10.67
C SER B 80 29.51 16.99 -11.75
N LEU B 81 29.51 16.28 -12.87
CA LEU B 81 30.38 16.62 -14.00
C LEU B 81 30.01 17.99 -14.57
N GLY B 82 28.71 18.25 -14.68
CA GLY B 82 28.24 19.48 -15.32
C GLY B 82 28.57 20.72 -14.52
N VAL B 83 28.41 20.64 -13.19
CA VAL B 83 28.83 21.73 -12.29
C VAL B 83 30.32 22.00 -12.41
N GLY B 84 31.13 20.95 -12.40
CA GLY B 84 32.55 21.11 -12.54
C GLY B 84 32.89 21.75 -13.87
N TYR B 85 32.26 21.28 -14.93
CA TYR B 85 32.46 21.83 -16.27
C TYR B 85 32.15 23.31 -16.33
N GLU B 86 31.01 23.70 -15.76
CA GLU B 86 30.61 25.10 -15.67
C GLU B 86 31.66 25.97 -14.95
N LEU B 87 32.20 25.47 -13.86
CA LEU B 87 33.24 26.17 -13.10
C LEU B 87 34.54 26.28 -13.88
N GLY B 88 34.93 25.19 -14.57
CA GLY B 88 36.09 25.21 -15.44
C GLY B 88 36.00 26.28 -16.54
N ARG B 89 34.87 26.32 -17.24
CA ARG B 89 34.65 27.30 -18.32
C ARG B 89 34.62 28.70 -17.72
N ALA B 90 33.97 28.83 -16.56
CA ALA B 90 33.89 30.12 -15.88
C ALA B 90 35.27 30.68 -15.50
N VAL B 91 36.14 29.85 -14.94
CA VAL B 91 37.50 30.30 -14.61
C VAL B 91 38.25 30.83 -15.83
N ALA B 92 38.19 30.07 -16.91
CA ALA B 92 38.82 30.46 -18.19
C ALA B 92 38.24 31.75 -18.76
N LEU B 93 36.96 32.01 -18.49
CA LEU B 93 36.33 33.26 -18.94
C LEU B 93 36.66 34.44 -18.00
N GLY B 94 37.32 34.16 -16.88
CA GLY B 94 37.66 35.20 -15.92
C GLY B 94 36.54 35.67 -15.01
N LYS B 95 35.52 34.82 -14.81
CA LYS B 95 34.40 35.19 -13.95
C LYS B 95 34.75 35.05 -12.47
N PRO B 96 34.24 35.94 -11.62
CA PRO B 96 34.29 35.69 -10.18
C PRO B 96 33.35 34.55 -9.76
N ILE B 97 33.81 33.70 -8.85
CA ILE B 97 33.14 32.46 -8.51
C ILE B 97 33.00 32.32 -6.98
N LEU B 98 31.81 31.91 -6.54
CA LEU B 98 31.56 31.47 -5.16
C LEU B 98 31.07 30.05 -5.17
N CYS B 99 31.80 29.15 -4.52
CA CYS B 99 31.39 27.76 -4.33
C CYS B 99 30.98 27.59 -2.89
N LEU B 100 29.89 26.86 -2.69
CA LEU B 100 29.36 26.60 -1.35
C LEU B 100 29.38 25.10 -1.11
N PHE B 101 29.98 24.67 0.00
CA PHE B 101 30.16 23.25 0.33
C PHE B 101 29.77 22.95 1.78
N ARG B 102 29.11 21.81 1.98
CA ARG B 102 28.70 21.34 3.32
C ARG B 102 29.57 20.17 3.80
N PRO B 103 30.56 20.43 4.67
CA PRO B 103 31.42 19.37 5.22
C PRO B 103 30.67 18.28 6.02
N GLN B 104 29.52 18.61 6.60
CA GLN B 104 28.74 17.61 7.35
C GLN B 104 28.09 16.54 6.46
N SER B 105 28.12 16.75 5.15
CA SER B 105 27.78 15.72 4.16
C SER B 105 28.64 14.48 4.34
N GLY B 106 29.83 14.66 4.91
CA GLY B 106 30.74 13.55 5.19
C GLY B 106 31.69 13.19 4.06
N ARG B 107 31.60 13.89 2.93
CA ARG B 107 32.59 13.68 1.86
C ARG B 107 33.63 14.81 1.89
N VAL B 108 34.77 14.55 1.27
CA VAL B 108 35.81 15.54 1.11
C VAL B 108 35.66 16.18 -0.26
N LEU B 109 35.63 17.51 -0.29
CA LEU B 109 35.44 18.24 -1.53
C LEU B 109 36.60 17.99 -2.49
N SER B 110 36.24 17.76 -3.76
CA SER B 110 37.14 17.71 -4.91
C SER B 110 38.43 18.50 -4.73
N ALA B 111 39.56 17.85 -4.97
CA ALA B 111 40.87 18.51 -4.89
C ALA B 111 41.00 19.63 -5.91
N MET B 112 40.35 19.49 -7.05
CA MET B 112 40.44 20.50 -8.08
C MET B 112 39.62 21.73 -7.73
N ILE B 113 38.46 21.55 -7.10
CA ILE B 113 37.64 22.71 -6.72
C ILE B 113 38.24 23.41 -5.50
N ARG B 114 38.56 22.63 -4.45
CA ARG B 114 39.22 23.17 -3.27
C ARG B 114 40.56 23.83 -3.62
N GLY B 115 41.36 23.20 -4.49
CA GLY B 115 42.63 23.76 -4.94
C GLY B 115 42.57 25.00 -5.84
N ALA B 116 41.44 25.23 -6.49
CA ALA B 116 41.22 26.46 -7.29
C ALA B 116 41.00 27.71 -6.44
N ALA B 117 40.65 27.52 -5.17
CA ALA B 117 40.38 28.63 -4.25
C ALA B 117 41.58 29.54 -4.12
N ASP B 118 41.34 30.84 -4.21
CA ASP B 118 42.40 31.82 -4.01
C ASP B 118 42.02 32.95 -3.04
N GLY B 119 40.86 32.84 -2.40
CA GLY B 119 40.39 33.84 -1.43
C GLY B 119 39.87 35.13 -2.02
N SER B 120 39.73 35.18 -3.34
CA SER B 120 39.37 36.42 -4.03
C SER B 120 38.40 36.12 -5.19
N ARG B 121 38.91 35.84 -6.39
CA ARG B 121 38.02 35.61 -7.54
C ARG B 121 37.51 34.18 -7.62
N PHE B 122 38.05 33.27 -6.81
CA PHE B 122 37.51 31.91 -6.66
C PHE B 122 37.49 31.60 -5.17
N GLN B 123 36.29 31.66 -4.57
CA GLN B 123 36.11 31.44 -3.13
C GLN B 123 35.36 30.14 -2.93
N VAL B 124 35.78 29.36 -1.94
CA VAL B 124 35.06 28.17 -1.53
C VAL B 124 34.78 28.31 -0.05
N TRP B 125 33.50 28.30 0.32
CA TRP B 125 33.04 28.49 1.69
C TRP B 125 32.38 27.23 2.21
N ASP B 126 32.84 26.75 3.37
CA ASP B 126 32.19 25.65 4.09
C ASP B 126 31.05 26.25 4.91
N TYR B 127 29.88 25.59 4.91
CA TYR B 127 28.73 26.09 5.67
C TYR B 127 27.88 24.92 6.18
N ALA B 128 27.03 25.21 7.17
CA ALA B 128 26.01 24.27 7.67
C ALA B 128 24.66 24.54 6.98
N GLU B 129 23.87 23.49 6.81
CA GLU B 129 22.73 23.53 5.86
C GLU B 129 21.78 24.71 6.10
N GLY B 130 21.54 25.03 7.36
CA GLY B 130 20.63 26.13 7.72
C GLY B 130 21.12 27.54 7.45
N GLU B 131 22.43 27.73 7.17
CA GLU B 131 22.99 29.07 7.04
C GLU B 131 23.33 29.53 5.61
N VAL B 132 22.78 28.87 4.60
CA VAL B 132 23.15 29.21 3.22
C VAL B 132 22.81 30.67 2.88
N GLU B 133 21.70 31.18 3.41
CA GLU B 133 21.29 32.57 3.15
C GLU B 133 22.29 33.55 3.69
N THR B 134 22.80 33.28 4.90
CA THR B 134 23.81 34.13 5.53
C THR B 134 25.12 34.16 4.73
N MET B 135 25.52 33.01 4.18
CA MET B 135 26.72 32.94 3.35
C MET B 135 26.60 33.77 2.07
N LEU B 136 25.45 33.71 1.43
CA LEU B 136 25.19 34.48 0.21
C LEU B 136 25.16 35.97 0.53
N ASP B 137 24.53 36.33 1.65
CA ASP B 137 24.46 37.73 2.07
C ASP B 137 25.85 38.31 2.23
N ARG B 138 26.73 37.57 2.92
CA ARG B 138 28.10 38.02 3.15
C ARG B 138 28.84 38.27 1.85
N TYR B 139 28.75 37.33 0.92
CA TYR B 139 29.46 37.46 -0.36
C TYR B 139 29.00 38.68 -1.15
N PHE B 140 27.69 38.81 -1.33
CA PHE B 140 27.15 39.83 -2.25
C PHE B 140 27.15 41.24 -1.67
N GLU B 141 27.03 41.35 -0.34
CA GLU B 141 27.22 42.63 0.33
C GLU B 141 28.68 43.12 0.18
N ALA B 142 29.64 42.20 0.11
CA ALA B 142 31.04 42.53 -0.22
C ALA B 142 31.22 42.83 -1.71
N TYR B 143 30.70 41.95 -2.55
CA TYR B 143 30.84 42.08 -4.01
C TYR B 143 30.14 43.34 -4.52
N ARG C 3 -16.65 -26.31 -1.23
CA ARG C 3 -15.29 -26.62 -0.72
C ARG C 3 -15.21 -26.46 0.80
N SER C 4 -15.76 -25.37 1.35
CA SER C 4 -15.94 -25.27 2.80
C SER C 4 -17.42 -25.41 3.07
N VAL C 5 -17.78 -26.23 4.04
CA VAL C 5 -19.19 -26.50 4.33
C VAL C 5 -19.49 -26.21 5.80
N TYR C 6 -20.61 -25.53 6.04
CA TYR C 6 -21.08 -25.26 7.39
C TYR C 6 -22.26 -26.21 7.68
N PHE C 7 -22.17 -26.99 8.76
CA PHE C 7 -23.28 -27.85 9.17
C PHE C 7 -24.05 -27.27 10.36
N CYS C 8 -25.39 -27.26 10.25
CA CYS C 8 -26.32 -26.83 11.32
C CYS C 8 -27.19 -28.00 11.83
N GLY C 9 -27.26 -28.19 13.14
CA GLY C 9 -28.17 -29.15 13.76
C GLY C 9 -28.46 -28.78 15.21
N SER C 10 -29.69 -29.06 15.67
CA SER C 10 -30.13 -28.72 17.04
C SER C 10 -29.19 -29.24 18.13
N ILE C 11 -28.95 -28.40 19.13
CA ILE C 11 -28.20 -28.80 20.32
C ILE C 11 -29.06 -28.52 21.57
N ARG C 12 -29.15 -27.25 21.99
CA ARG C 12 -30.00 -26.90 23.14
C ARG C 12 -31.49 -27.04 22.81
N GLY C 13 -31.84 -26.97 21.52
CA GLY C 13 -33.20 -27.29 21.07
C GLY C 13 -33.57 -28.74 21.34
N GLY C 14 -32.56 -29.60 21.48
CA GLY C 14 -32.73 -31.04 21.75
C GLY C 14 -31.66 -31.83 21.00
N ARG C 15 -31.09 -32.86 21.62
CA ARG C 15 -30.06 -33.70 20.96
C ARG C 15 -30.63 -34.99 20.34
N GLU C 16 -31.93 -35.03 20.12
CA GLU C 16 -32.57 -36.26 19.59
C GLU C 16 -31.84 -36.85 18.38
N ASP C 17 -31.42 -35.98 17.47
CA ASP C 17 -30.92 -36.44 16.18
C ASP C 17 -29.39 -36.40 16.09
N GLN C 18 -28.70 -36.40 17.23
CA GLN C 18 -27.26 -36.22 17.23
C GLN C 18 -26.52 -37.31 16.46
N ALA C 19 -27.00 -38.56 16.51
CA ALA C 19 -26.35 -39.66 15.81
C ALA C 19 -26.40 -39.47 14.30
N LEU C 20 -27.55 -38.97 13.83
CA LEU C 20 -27.75 -38.66 12.44
C LEU C 20 -26.82 -37.52 11.99
N TYR C 21 -26.68 -36.50 12.83
CA TYR C 21 -25.78 -35.38 12.52
C TYR C 21 -24.34 -35.85 12.37
N ALA C 22 -23.92 -36.79 13.20
CA ALA C 22 -22.57 -37.35 13.09
C ALA C 22 -22.39 -38.03 11.73
N ARG C 23 -23.42 -38.76 11.30
CA ARG C 23 -23.40 -39.42 9.98
C ARG C 23 -23.35 -38.40 8.84
N ILE C 24 -24.11 -37.32 9.00
CA ILE C 24 -24.06 -36.25 8.03
C ILE C 24 -22.69 -35.61 7.93
N VAL C 25 -22.09 -35.27 9.07
CA VAL C 25 -20.78 -34.60 9.06
C VAL C 25 -19.74 -35.51 8.41
N SER C 26 -19.79 -36.80 8.73
CA SER C 26 -18.85 -37.78 8.16
C SER C 26 -18.93 -37.84 6.64
N ARG C 27 -20.15 -37.84 6.10
CA ARG C 27 -20.35 -37.88 4.65
C ARG C 27 -19.95 -36.57 3.96
N LEU C 28 -20.22 -35.44 4.61
CA LEU C 28 -19.81 -34.12 4.08
C LEU C 28 -18.29 -33.98 3.91
N ARG C 29 -17.51 -34.66 4.74
CA ARG C 29 -16.05 -34.61 4.64
C ARG C 29 -15.51 -35.09 3.29
N ARG C 30 -16.31 -35.86 2.55
CA ARG C 30 -16.00 -36.25 1.15
C ARG C 30 -16.09 -35.11 0.14
N TYR C 31 -16.89 -34.11 0.48
CA TYR C 31 -17.26 -33.06 -0.46
C TYR C 31 -16.63 -31.71 -0.11
N GLY C 32 -16.02 -31.61 1.07
CA GLY C 32 -15.30 -30.41 1.44
C GLY C 32 -14.81 -30.43 2.87
N LYS C 33 -14.18 -29.32 3.27
CA LYS C 33 -13.79 -29.09 4.64
C LYS C 33 -15.01 -28.68 5.45
N VAL C 34 -15.32 -29.43 6.50
CA VAL C 34 -16.39 -29.06 7.40
C VAL C 34 -15.78 -28.08 8.40
N LEU C 35 -16.23 -26.84 8.34
CA LEU C 35 -15.73 -25.77 9.22
C LEU C 35 -16.19 -25.96 10.64
N THR C 36 -17.42 -26.42 10.79
CA THR C 36 -18.08 -26.45 12.08
C THR C 36 -17.57 -27.60 12.92
N GLU C 37 -17.59 -27.41 14.24
CA GLU C 37 -17.08 -28.40 15.19
C GLU C 37 -18.20 -28.94 16.08
N ALA C 52 -17.41 -23.59 27.47
CA ALA C 52 -16.52 -22.98 28.45
C ALA C 52 -16.19 -21.54 28.09
N GLY C 53 -16.03 -21.29 26.78
CA GLY C 53 -15.72 -19.96 26.28
C GLY C 53 -16.91 -19.03 26.34
N GLY C 54 -18.09 -19.61 26.53
CA GLY C 54 -19.32 -18.85 26.67
C GLY C 54 -20.00 -18.72 25.33
N ASP C 55 -21.23 -18.24 25.37
CA ASP C 55 -22.04 -18.18 24.17
C ASP C 55 -21.58 -17.06 23.24
N GLN C 56 -21.01 -16.00 23.80
CA GLN C 56 -20.47 -14.92 22.97
C GLN C 56 -19.39 -15.50 22.04
N PHE C 57 -18.51 -16.30 22.60
CA PHE C 57 -17.44 -16.95 21.83
C PHE C 57 -17.99 -17.89 20.75
N ILE C 58 -19.00 -18.67 21.11
CA ILE C 58 -19.65 -19.60 20.18
C ILE C 58 -20.28 -18.85 19.01
N HIS C 59 -21.05 -17.81 19.29
CA HIS C 59 -21.67 -16.99 18.26
C HIS C 59 -20.64 -16.37 17.29
N GLU C 60 -19.59 -15.77 17.84
CA GLU C 60 -18.59 -15.11 17.01
C GLU C 60 -17.79 -16.10 16.16
N GLN C 61 -17.41 -17.22 16.77
CA GLN C 61 -16.69 -18.28 16.05
C GLN C 61 -17.54 -18.79 14.87
N ASN C 62 -18.81 -19.07 15.14
CA ASN C 62 -19.72 -19.63 14.13
C ASN C 62 -20.02 -18.63 13.01
N LEU C 63 -20.22 -17.36 13.34
CA LEU C 63 -20.43 -16.35 12.29
C LEU C 63 -19.24 -16.19 11.36
N ASN C 64 -18.03 -16.23 11.92
CA ASN C 64 -16.82 -16.21 11.07
C ASN C 64 -16.78 -17.44 10.15
N TRP C 65 -17.18 -18.61 10.66
CA TRP C 65 -17.22 -19.81 9.80
C TRP C 65 -18.31 -19.69 8.73
N LEU C 66 -19.45 -19.12 9.11
CA LEU C 66 -20.55 -18.97 8.19
C LEU C 66 -20.17 -18.06 7.03
N GLN C 67 -19.45 -16.98 7.36
CA GLN C 67 -19.01 -15.99 6.36
C GLN C 67 -18.04 -16.64 5.38
N GLN C 68 -17.25 -17.60 5.85
CA GLN C 68 -16.27 -18.27 5.00
C GLN C 68 -16.81 -19.49 4.23
N ALA C 69 -17.98 -19.99 4.64
CA ALA C 69 -18.54 -21.20 4.04
C ALA C 69 -18.96 -21.02 2.58
N ASP C 70 -18.72 -22.04 1.77
CA ASP C 70 -19.21 -22.04 0.40
C ASP C 70 -20.63 -22.59 0.30
N VAL C 71 -21.01 -23.46 1.24
CA VAL C 71 -22.34 -24.03 1.27
C VAL C 71 -22.74 -24.34 2.72
N VAL C 72 -24.03 -24.20 3.00
CA VAL C 72 -24.57 -24.44 4.32
C VAL C 72 -25.55 -25.60 4.24
N VAL C 73 -25.38 -26.58 5.13
CA VAL C 73 -26.25 -27.74 5.19
C VAL C 73 -26.84 -27.81 6.58
N ALA C 74 -28.17 -27.93 6.68
CA ALA C 74 -28.88 -27.98 7.94
C ALA C 74 -29.80 -29.18 7.98
N GLU C 75 -29.81 -29.91 9.10
CA GLU C 75 -30.84 -30.94 9.33
C GLU C 75 -31.86 -30.25 10.23
N VAL C 76 -33.05 -30.01 9.68
CA VAL C 76 -34.07 -29.14 10.29
C VAL C 76 -35.28 -29.90 10.86
N THR C 77 -35.12 -31.19 11.13
CA THR C 77 -36.22 -31.97 11.74
C THR C 77 -36.53 -31.55 13.18
N GLN C 78 -35.52 -31.42 14.02
CA GLN C 78 -35.70 -30.98 15.40
C GLN C 78 -35.75 -29.45 15.46
N PRO C 79 -36.88 -28.87 15.91
CA PRO C 79 -36.92 -27.41 15.97
C PRO C 79 -35.83 -26.80 16.88
N SER C 80 -35.17 -25.75 16.39
CA SER C 80 -34.07 -25.14 17.10
C SER C 80 -33.91 -23.68 16.72
N LEU C 81 -33.81 -22.80 17.72
CA LEU C 81 -33.63 -21.36 17.44
C LEU C 81 -32.32 -21.10 16.73
N GLY C 82 -31.27 -21.79 17.18
CA GLY C 82 -29.92 -21.53 16.65
C GLY C 82 -29.77 -21.96 15.21
N VAL C 83 -30.34 -23.11 14.84
CA VAL C 83 -30.35 -23.58 13.45
C VAL C 83 -31.10 -22.56 12.55
N GLY C 84 -32.28 -22.11 13.00
CA GLY C 84 -32.99 -21.08 12.28
C GLY C 84 -32.19 -19.82 12.08
N TYR C 85 -31.58 -19.35 13.17
CA TYR C 85 -30.73 -18.15 13.16
C TYR C 85 -29.59 -18.29 12.18
N GLU C 86 -28.91 -19.44 12.18
CA GLU C 86 -27.85 -19.72 11.22
C GLU C 86 -28.34 -19.66 9.77
N LEU C 87 -29.53 -20.22 9.52
CA LEU C 87 -30.14 -20.19 8.19
C LEU C 87 -30.49 -18.74 7.75
N GLY C 88 -31.07 -17.96 8.66
CA GLY C 88 -31.36 -16.57 8.39
C GLY C 88 -30.11 -15.74 8.09
N ARG C 89 -29.06 -15.88 8.91
CA ARG C 89 -27.80 -15.17 8.64
C ARG C 89 -27.20 -15.64 7.31
N ALA C 90 -27.27 -16.93 7.04
CA ALA C 90 -26.74 -17.53 5.81
C ALA C 90 -27.42 -16.99 4.56
N VAL C 91 -28.75 -16.92 4.58
CA VAL C 91 -29.49 -16.35 3.46
C VAL C 91 -29.03 -14.91 3.21
N ALA C 92 -28.93 -14.12 4.28
CA ALA C 92 -28.53 -12.72 4.20
C ALA C 92 -27.08 -12.55 3.70
N LEU C 93 -26.22 -13.53 3.99
CA LEU C 93 -24.87 -13.56 3.42
C LEU C 93 -24.82 -14.10 1.96
N GLY C 94 -25.95 -14.54 1.44
CA GLY C 94 -26.04 -15.05 0.05
C GLY C 94 -25.47 -16.45 -0.17
N LYS C 95 -25.41 -17.26 0.88
CA LYS C 95 -24.85 -18.62 0.75
C LYS C 95 -25.90 -19.58 0.19
N PRO C 96 -25.48 -20.55 -0.65
CA PRO C 96 -26.39 -21.62 -1.05
C PRO C 96 -26.67 -22.55 0.14
N ILE C 97 -27.91 -22.99 0.26
CA ILE C 97 -28.38 -23.72 1.44
C ILE C 97 -29.14 -25.00 1.04
N LEU C 98 -28.85 -26.08 1.75
CA LEU C 98 -29.63 -27.30 1.68
C LEU C 98 -30.15 -27.63 3.08
N CYS C 99 -31.47 -27.78 3.21
CA CYS C 99 -32.10 -28.21 4.44
C CYS C 99 -32.67 -29.60 4.23
N LEU C 100 -32.43 -30.49 5.20
CA LEU C 100 -32.94 -31.85 5.15
C LEU C 100 -33.97 -32.07 6.27
N PHE C 101 -35.15 -32.58 5.93
CA PHE C 101 -36.25 -32.75 6.86
C PHE C 101 -36.85 -34.16 6.75
N ARG C 102 -37.18 -34.75 7.89
CA ARG C 102 -37.82 -36.08 7.94
C ARG C 102 -39.31 -35.97 8.28
N PRO C 103 -40.20 -36.08 7.26
CA PRO C 103 -41.65 -36.06 7.50
C PRO C 103 -42.18 -37.13 8.44
N GLN C 104 -41.53 -38.29 8.54
CA GLN C 104 -41.98 -39.34 9.46
C GLN C 104 -41.74 -39.03 10.95
N SER C 105 -41.00 -37.94 11.23
CA SER C 105 -40.95 -37.38 12.58
C SER C 105 -42.35 -37.10 13.13
N GLY C 106 -43.30 -36.84 12.24
CA GLY C 106 -44.68 -36.59 12.63
C GLY C 106 -45.00 -35.12 12.87
N ARG C 107 -44.04 -34.24 12.66
CA ARG C 107 -44.31 -32.81 12.77
C ARG C 107 -44.27 -32.15 11.40
N VAL C 108 -44.91 -30.97 11.31
CA VAL C 108 -44.90 -30.20 10.07
C VAL C 108 -43.79 -29.16 10.13
N LEU C 109 -42.94 -29.15 9.11
CA LEU C 109 -41.81 -28.24 9.06
C LEU C 109 -42.23 -26.78 9.11
N SER C 110 -41.52 -25.99 9.91
CA SER C 110 -41.58 -24.52 9.93
C SER C 110 -42.01 -23.85 8.64
N ALA C 111 -43.01 -22.96 8.75
CA ALA C 111 -43.50 -22.21 7.61
C ALA C 111 -42.42 -21.35 6.99
N MET C 112 -41.60 -20.73 7.84
CA MET C 112 -40.54 -19.87 7.36
C MET C 112 -39.43 -20.64 6.65
N ILE C 113 -39.04 -21.81 7.16
CA ILE C 113 -38.03 -22.62 6.48
C ILE C 113 -38.57 -23.24 5.17
N ARG C 114 -39.76 -23.85 5.23
CA ARG C 114 -40.39 -24.40 4.03
C ARG C 114 -40.65 -23.29 2.99
N GLY C 115 -41.17 -22.15 3.44
CA GLY C 115 -41.44 -21.02 2.55
C GLY C 115 -40.23 -20.29 1.97
N ALA C 116 -39.06 -20.49 2.58
CA ALA C 116 -37.81 -19.88 2.10
C ALA C 116 -37.24 -20.59 0.87
N ALA C 117 -37.69 -21.83 0.63
CA ALA C 117 -37.19 -22.62 -0.51
C ALA C 117 -37.47 -21.90 -1.82
N ASP C 118 -36.48 -21.90 -2.71
CA ASP C 118 -36.69 -21.42 -4.07
C ASP C 118 -36.19 -22.36 -5.17
N GLY C 119 -35.83 -23.59 -4.79
N GLY C 119 -35.84 -23.59 -4.80
CA GLY C 119 -35.44 -24.63 -5.74
CA GLY C 119 -35.21 -24.50 -5.75
C GLY C 119 -33.99 -24.57 -6.23
C GLY C 119 -34.01 -23.84 -6.40
N SER C 120 -33.24 -23.56 -5.78
N SER C 120 -32.86 -23.98 -5.76
CA SER C 120 -31.88 -23.37 -6.28
CA SER C 120 -31.61 -23.50 -6.33
C SER C 120 -30.89 -23.06 -5.14
C SER C 120 -30.66 -23.01 -5.23
N ARG C 121 -30.89 -21.82 -4.68
CA ARG C 121 -30.01 -21.36 -3.62
C ARG C 121 -30.55 -21.64 -2.21
N PHE C 122 -31.79 -22.11 -2.10
CA PHE C 122 -32.35 -22.55 -0.84
C PHE C 122 -33.25 -23.74 -1.14
N GLN C 123 -32.75 -24.95 -0.87
CA GLN C 123 -33.50 -26.17 -1.15
C GLN C 123 -33.88 -26.86 0.16
N VAL C 124 -35.13 -27.33 0.24
CA VAL C 124 -35.60 -28.11 1.39
C VAL C 124 -36.03 -29.48 0.86
N TRP C 125 -35.30 -30.52 1.25
CA TRP C 125 -35.55 -31.89 0.78
C TRP C 125 -36.09 -32.76 1.92
N ASP C 126 -37.22 -33.42 1.66
CA ASP C 126 -37.76 -34.44 2.57
C ASP C 126 -37.06 -35.77 2.32
N TYR C 127 -36.85 -36.54 3.38
CA TYR C 127 -36.11 -37.82 3.29
C TYR C 127 -36.46 -38.76 4.47
N ALA C 128 -36.18 -40.05 4.31
CA ALA C 128 -36.33 -41.05 5.36
C ALA C 128 -34.98 -41.31 6.03
N GLU C 129 -35.01 -41.63 7.32
CA GLU C 129 -33.79 -41.59 8.15
C GLU C 129 -32.58 -42.36 7.60
N GLY C 130 -32.83 -43.50 6.95
CA GLY C 130 -31.76 -44.31 6.39
C GLY C 130 -31.15 -43.81 5.09
N GLU C 131 -31.79 -42.82 4.46
CA GLU C 131 -31.39 -42.28 3.15
C GLU C 131 -30.44 -41.08 3.20
N VAL C 132 -29.97 -40.66 4.38
CA VAL C 132 -29.33 -39.34 4.45
C VAL C 132 -28.05 -39.25 3.59
N GLU C 133 -27.25 -40.32 3.54
CA GLU C 133 -26.02 -40.28 2.74
C GLU C 133 -26.33 -40.18 1.25
N THR C 134 -27.36 -40.90 0.84
CA THR C 134 -27.87 -40.85 -0.53
C THR C 134 -28.34 -39.44 -0.93
N MET C 135 -29.01 -38.73 -0.02
CA MET C 135 -29.47 -37.38 -0.32
C MET C 135 -28.29 -36.44 -0.47
N LEU C 136 -27.31 -36.58 0.40
CA LEU C 136 -26.15 -35.70 0.34
C LEU C 136 -25.38 -35.94 -0.96
N ASP C 137 -25.23 -37.21 -1.34
CA ASP C 137 -24.56 -37.55 -2.59
C ASP C 137 -25.23 -36.86 -3.79
N ARG C 138 -26.56 -36.87 -3.81
CA ARG C 138 -27.31 -36.27 -4.92
C ARG C 138 -27.12 -34.76 -4.99
N TYR C 139 -27.13 -34.09 -3.84
CA TYR C 139 -26.96 -32.66 -3.80
C TYR C 139 -25.57 -32.23 -4.31
N PHE C 140 -24.52 -32.86 -3.78
CA PHE C 140 -23.15 -32.49 -4.15
C PHE C 140 -22.73 -33.06 -5.50
N GLU C 141 -23.57 -33.96 -6.03
CA GLU C 141 -23.40 -34.59 -7.35
C GLU C 141 -22.26 -35.60 -7.32
N ARG D 3 -44.46 4.21 14.73
CA ARG D 3 -43.55 3.07 15.04
C ARG D 3 -44.18 1.72 14.66
N SER D 4 -43.45 0.87 13.93
CA SER D 4 -43.93 -0.48 13.63
C SER D 4 -43.14 -1.57 14.38
N VAL D 5 -43.84 -2.62 14.79
CA VAL D 5 -43.24 -3.72 15.54
C VAL D 5 -43.53 -5.05 14.87
N TYR D 6 -42.52 -5.90 14.78
CA TYR D 6 -42.67 -7.27 14.30
C TYR D 6 -42.49 -8.18 15.50
N PHE D 7 -43.49 -9.02 15.77
CA PHE D 7 -43.44 -9.98 16.86
C PHE D 7 -43.20 -11.41 16.34
N CYS D 8 -42.28 -12.13 17.00
CA CYS D 8 -41.93 -13.52 16.65
C CYS D 8 -42.27 -14.46 17.82
N GLY D 9 -42.97 -15.55 17.53
CA GLY D 9 -43.22 -16.61 18.52
C GLY D 9 -43.52 -17.93 17.82
N SER D 10 -43.14 -19.04 18.45
CA SER D 10 -43.28 -20.38 17.89
C SER D 10 -44.73 -20.72 17.47
N ILE D 11 -44.85 -21.38 16.33
CA ILE D 11 -46.14 -21.92 15.87
C ILE D 11 -45.96 -23.42 15.63
N ARG D 12 -45.38 -23.82 14.51
CA ARG D 12 -45.14 -25.25 14.26
C ARG D 12 -44.04 -25.83 15.16
N GLY D 13 -43.21 -24.98 15.75
CA GLY D 13 -42.26 -25.41 16.78
C GLY D 13 -42.97 -25.87 18.04
N GLY D 14 -44.21 -25.44 18.21
CA GLY D 14 -45.05 -25.79 19.35
C GLY D 14 -45.82 -24.56 19.79
N ARG D 15 -47.07 -24.73 20.19
CA ARG D 15 -47.94 -23.61 20.54
C ARG D 15 -48.19 -23.46 22.03
N GLU D 16 -47.33 -24.09 22.83
CA GLU D 16 -47.47 -24.11 24.29
C GLU D 16 -47.60 -22.70 24.90
N ASP D 17 -46.92 -21.72 24.30
CA ASP D 17 -46.93 -20.34 24.82
C ASP D 17 -47.89 -19.41 24.07
N GLN D 18 -48.84 -19.97 23.33
CA GLN D 18 -49.78 -19.16 22.50
C GLN D 18 -50.53 -18.08 23.28
N ALA D 19 -50.97 -18.39 24.50
CA ALA D 19 -51.77 -17.43 25.27
C ALA D 19 -50.90 -16.28 25.74
N LEU D 20 -49.68 -16.60 26.16
CA LEU D 20 -48.69 -15.59 26.49
C LEU D 20 -48.39 -14.67 25.29
N TYR D 21 -48.29 -15.23 24.08
CA TYR D 21 -47.99 -14.41 22.90
C TYR D 21 -49.07 -13.37 22.68
N ALA D 22 -50.33 -13.77 22.92
CA ALA D 22 -51.45 -12.87 22.70
C ALA D 22 -51.42 -11.72 23.70
N ARG D 23 -50.99 -11.98 24.93
CA ARG D 23 -50.80 -10.93 25.93
C ARG D 23 -49.66 -9.98 25.55
N ILE D 24 -48.58 -10.52 24.98
CA ILE D 24 -47.45 -9.68 24.56
C ILE D 24 -47.87 -8.73 23.46
N VAL D 25 -48.57 -9.28 22.46
CA VAL D 25 -49.01 -8.51 21.31
C VAL D 25 -49.95 -7.40 21.76
N SER D 26 -50.82 -7.70 22.72
CA SER D 26 -51.76 -6.67 23.23
C SER D 26 -51.03 -5.50 23.89
N ARG D 27 -49.96 -5.79 24.64
CA ARG D 27 -49.16 -4.74 25.24
C ARG D 27 -48.38 -3.95 24.19
N LEU D 28 -47.79 -4.64 23.21
CA LEU D 28 -47.07 -4.01 22.12
C LEU D 28 -47.90 -2.94 21.40
N ARG D 29 -49.22 -3.13 21.34
CA ARG D 29 -50.10 -2.17 20.66
C ARG D 29 -50.08 -0.75 21.26
N ARG D 30 -49.68 -0.63 22.53
CA ARG D 30 -49.48 0.67 23.17
C ARG D 30 -48.28 1.41 22.60
N TYR D 31 -47.31 0.66 22.08
CA TYR D 31 -46.03 1.23 21.70
C TYR D 31 -45.83 1.40 20.20
N GLY D 32 -46.67 0.76 19.39
CA GLY D 32 -46.55 0.88 17.94
C GLY D 32 -47.56 0.04 17.21
N LYS D 33 -47.48 0.05 15.88
CA LYS D 33 -48.30 -0.80 15.04
C LYS D 33 -47.65 -2.16 15.01
N VAL D 34 -48.39 -3.21 15.39
CA VAL D 34 -47.88 -4.57 15.30
C VAL D 34 -48.16 -5.07 13.89
N LEU D 35 -47.10 -5.29 13.12
CA LEU D 35 -47.23 -5.70 11.72
C LEU D 35 -47.71 -7.13 11.56
N THR D 36 -47.33 -7.98 12.50
CA THR D 36 -47.60 -9.42 12.44
C THR D 36 -48.94 -9.76 13.06
N GLY D 54 -49.35 -21.01 0.05
CA GLY D 54 -49.12 -21.59 1.37
C GLY D 54 -47.95 -20.95 2.09
N ASP D 55 -46.89 -21.74 2.33
CA ASP D 55 -45.75 -21.28 3.10
C ASP D 55 -44.90 -20.27 2.35
N GLN D 56 -44.87 -20.39 1.03
CA GLN D 56 -44.13 -19.44 0.22
C GLN D 56 -44.71 -18.04 0.40
N PHE D 57 -46.03 -17.95 0.41
CA PHE D 57 -46.75 -16.69 0.66
C PHE D 57 -46.44 -16.13 2.05
N ILE D 58 -46.46 -17.01 3.05
CA ILE D 58 -46.20 -16.62 4.43
C ILE D 58 -44.79 -16.02 4.54
N HIS D 59 -43.81 -16.69 3.96
CA HIS D 59 -42.43 -16.24 4.01
C HIS D 59 -42.26 -14.86 3.37
N GLU D 60 -42.83 -14.66 2.18
CA GLU D 60 -42.63 -13.38 1.50
C GLU D 60 -43.39 -12.22 2.15
N GLN D 61 -44.59 -12.49 2.66
CA GLN D 61 -45.38 -11.52 3.42
C GLN D 61 -44.64 -11.10 4.69
N ASN D 62 -44.13 -12.07 5.42
CA ASN D 62 -43.38 -11.80 6.65
C ASN D 62 -42.06 -11.07 6.42
N LEU D 63 -41.32 -11.42 5.36
CA LEU D 63 -40.08 -10.72 5.02
C LEU D 63 -40.34 -9.26 4.70
N ASN D 64 -41.43 -9.00 3.99
CA ASN D 64 -41.87 -7.64 3.70
C ASN D 64 -42.10 -6.84 4.97
N TRP D 65 -42.80 -7.44 5.94
CA TRP D 65 -43.05 -6.77 7.22
C TRP D 65 -41.77 -6.57 8.02
N LEU D 66 -40.90 -7.58 8.01
CA LEU D 66 -39.66 -7.52 8.78
C LEU D 66 -38.78 -6.38 8.25
N GLN D 67 -38.73 -6.24 6.93
CA GLN D 67 -37.96 -5.16 6.30
C GLN D 67 -38.48 -3.76 6.70
N GLN D 68 -39.78 -3.65 6.91
CA GLN D 68 -40.42 -2.40 7.32
C GLN D 68 -40.33 -2.09 8.81
N ALA D 69 -40.08 -3.10 9.64
CA ALA D 69 -40.24 -2.96 11.08
C ALA D 69 -39.18 -2.04 11.70
N ASP D 70 -39.59 -1.25 12.69
CA ASP D 70 -38.64 -0.45 13.46
C ASP D 70 -37.97 -1.24 14.57
N VAL D 71 -38.72 -2.16 15.20
CA VAL D 71 -38.23 -3.00 16.30
C VAL D 71 -38.76 -4.43 16.08
N VAL D 72 -37.93 -5.42 16.43
CA VAL D 72 -38.31 -6.83 16.38
C VAL D 72 -38.31 -7.37 17.81
N VAL D 73 -39.45 -7.92 18.23
CA VAL D 73 -39.63 -8.55 19.54
C VAL D 73 -39.93 -10.05 19.34
N ALA D 74 -39.21 -10.90 20.10
CA ALA D 74 -39.37 -12.35 20.01
C ALA D 74 -39.45 -12.94 21.41
N GLU D 75 -40.39 -13.85 21.59
CA GLU D 75 -40.44 -14.65 22.82
C GLU D 75 -39.75 -15.95 22.41
N VAL D 76 -38.60 -16.21 23.01
CA VAL D 76 -37.73 -17.30 22.57
C VAL D 76 -37.70 -18.50 23.51
N THR D 77 -38.71 -18.64 24.36
CA THR D 77 -38.75 -19.76 25.31
C THR D 77 -38.95 -21.13 24.63
N GLN D 78 -39.90 -21.19 23.70
CA GLN D 78 -40.14 -22.41 22.93
C GLN D 78 -39.21 -22.46 21.72
N PRO D 79 -38.37 -23.52 21.60
CA PRO D 79 -37.50 -23.56 20.42
C PRO D 79 -38.26 -23.63 19.09
N SER D 80 -37.80 -22.86 18.10
CA SER D 80 -38.51 -22.72 16.86
C SER D 80 -37.57 -22.28 15.76
N LEU D 81 -37.57 -23.02 14.65
CA LEU D 81 -36.73 -22.65 13.50
C LEU D 81 -37.14 -21.31 12.93
N GLY D 82 -38.44 -21.07 12.84
CA GLY D 82 -38.95 -19.87 12.19
C GLY D 82 -38.63 -18.60 12.96
N VAL D 83 -38.75 -18.66 14.29
CA VAL D 83 -38.36 -17.54 15.15
C VAL D 83 -36.86 -17.27 15.00
N GLY D 84 -36.04 -18.32 15.07
CA GLY D 84 -34.59 -18.17 14.86
C GLY D 84 -34.25 -17.51 13.53
N TYR D 85 -34.90 -17.98 12.47
CA TYR D 85 -34.72 -17.43 11.13
C TYR D 85 -35.09 -15.94 11.02
N GLU D 86 -36.24 -15.57 11.59
CA GLU D 86 -36.66 -14.18 11.67
C GLU D 86 -35.61 -13.29 12.38
N LEU D 87 -35.08 -13.79 13.50
CA LEU D 87 -34.04 -13.06 14.22
C LEU D 87 -32.76 -12.93 13.40
N GLY D 88 -32.42 -13.99 12.67
CA GLY D 88 -31.24 -13.98 11.81
C GLY D 88 -31.38 -12.96 10.69
N ARG D 89 -32.54 -12.97 10.03
CA ARG D 89 -32.80 -11.98 8.94
C ARG D 89 -32.82 -10.56 9.51
N ALA D 90 -33.42 -10.42 10.69
CA ALA D 90 -33.53 -9.13 11.37
C ALA D 90 -32.16 -8.56 11.78
N VAL D 91 -31.24 -9.39 12.29
CA VAL D 91 -29.87 -8.93 12.61
C VAL D 91 -29.19 -8.38 11.38
N ALA D 92 -29.23 -9.15 10.31
CA ALA D 92 -28.58 -8.76 9.05
C ALA D 92 -29.19 -7.48 8.44
N LEU D 93 -30.46 -7.22 8.71
CA LEU D 93 -31.11 -5.97 8.27
C LEU D 93 -30.81 -4.78 9.20
N GLY D 94 -30.10 -5.02 10.30
CA GLY D 94 -29.75 -3.97 11.23
C GLY D 94 -30.88 -3.51 12.14
N LYS D 95 -31.87 -4.37 12.39
CA LYS D 95 -33.01 -3.99 13.24
C LYS D 95 -32.66 -4.14 14.72
N PRO D 96 -33.13 -3.22 15.57
CA PRO D 96 -33.05 -3.45 17.01
C PRO D 96 -33.97 -4.62 17.45
N ILE D 97 -33.46 -5.44 18.36
CA ILE D 97 -34.07 -6.70 18.71
C ILE D 97 -34.19 -6.82 20.22
N LEU D 98 -35.38 -7.24 20.70
CA LEU D 98 -35.60 -7.62 22.08
C LEU D 98 -36.07 -9.06 22.11
N CYS D 99 -35.32 -9.93 22.79
CA CYS D 99 -35.72 -11.33 23.03
C CYS D 99 -36.08 -11.52 24.50
N LEU D 100 -37.13 -12.29 24.74
CA LEU D 100 -37.64 -12.55 26.08
C LEU D 100 -37.65 -14.07 26.30
N PHE D 101 -37.06 -14.51 27.42
CA PHE D 101 -36.86 -15.93 27.73
C PHE D 101 -37.23 -16.22 29.18
N ARG D 102 -37.86 -17.37 29.43
CA ARG D 102 -38.23 -17.78 30.80
C ARG D 102 -37.37 -18.94 31.29
N PRO D 103 -36.41 -18.67 32.19
CA PRO D 103 -35.59 -19.78 32.66
C PRO D 103 -36.38 -20.88 33.39
N GLN D 104 -37.52 -20.52 33.96
CA GLN D 104 -38.33 -21.52 34.69
C GLN D 104 -38.94 -22.58 33.79
N SER D 105 -38.86 -22.39 32.47
CA SER D 105 -39.16 -23.43 31.49
C SER D 105 -38.28 -24.66 31.66
N GLY D 106 -37.12 -24.50 32.32
CA GLY D 106 -36.20 -25.59 32.57
C GLY D 106 -35.24 -25.89 31.42
N ARG D 107 -35.34 -25.17 30.32
CA ARG D 107 -34.37 -25.37 29.23
C ARG D 107 -33.35 -24.24 29.25
N VAL D 108 -32.22 -24.47 28.57
CA VAL D 108 -31.14 -23.50 28.46
C VAL D 108 -31.30 -22.86 27.10
N LEU D 109 -31.38 -21.53 27.05
CA LEU D 109 -31.59 -20.82 25.79
C LEU D 109 -30.45 -21.06 24.82
N SER D 110 -30.82 -21.28 23.56
CA SER D 110 -29.93 -21.39 22.40
C SER D 110 -28.63 -20.61 22.54
N ALA D 111 -27.51 -21.28 22.28
CA ALA D 111 -26.20 -20.62 22.33
C ALA D 111 -26.09 -19.48 21.33
N MET D 112 -26.75 -19.63 20.18
CA MET D 112 -26.68 -18.61 19.13
C MET D 112 -27.49 -17.38 19.48
N ILE D 113 -28.63 -17.54 20.14
CA ILE D 113 -29.45 -16.38 20.52
C ILE D 113 -28.84 -15.68 21.74
N ARG D 114 -28.49 -16.45 22.76
CA ARG D 114 -27.83 -15.92 23.96
C ARG D 114 -26.53 -15.21 23.58
N GLY D 115 -25.76 -15.84 22.69
CA GLY D 115 -24.47 -15.30 22.24
C GLY D 115 -24.52 -14.07 21.34
N ALA D 116 -25.69 -13.80 20.76
CA ALA D 116 -25.91 -12.60 19.94
C ALA D 116 -26.14 -11.35 20.78
N ALA D 117 -26.51 -11.54 22.05
CA ALA D 117 -26.80 -10.42 22.95
C ALA D 117 -25.60 -9.48 23.07
N ASP D 118 -25.85 -8.19 22.95
CA ASP D 118 -24.81 -7.19 23.12
C ASP D 118 -25.22 -6.05 24.06
N GLY D 119 -26.38 -6.19 24.70
CA GLY D 119 -26.85 -5.19 25.67
C GLY D 119 -27.37 -3.89 25.09
N SER D 120 -27.45 -3.78 23.76
CA SER D 120 -28.01 -2.57 23.16
C SER D 120 -28.93 -2.92 21.96
N ARG D 121 -28.39 -3.16 20.77
CA ARG D 121 -29.25 -3.46 19.61
C ARG D 121 -29.75 -4.91 19.54
N PHE D 122 -29.21 -5.79 20.37
CA PHE D 122 -29.74 -7.15 20.51
C PHE D 122 -29.74 -7.45 22.00
N GLN D 123 -30.93 -7.40 22.61
CA GLN D 123 -31.11 -7.63 24.04
C GLN D 123 -31.82 -8.95 24.27
N VAL D 124 -31.37 -9.69 25.30
CA VAL D 124 -32.03 -10.92 25.74
C VAL D 124 -32.30 -10.79 27.24
N TRP D 125 -33.59 -10.79 27.59
CA TRP D 125 -34.02 -10.61 28.97
C TRP D 125 -34.63 -11.89 29.50
N ASP D 126 -34.13 -12.35 30.66
CA ASP D 126 -34.75 -13.45 31.39
C ASP D 126 -35.89 -12.87 32.22
N TYR D 127 -37.04 -13.55 32.23
CA TYR D 127 -38.18 -13.08 33.03
C TYR D 127 -39.00 -14.26 33.59
N ALA D 128 -39.79 -13.98 34.61
CA ALA D 128 -40.67 -14.97 35.19
C ALA D 128 -42.10 -14.58 34.90
N GLU D 129 -42.98 -15.57 34.98
CA GLU D 129 -44.41 -15.31 34.89
C GLU D 129 -44.78 -14.07 35.69
N GLY D 130 -45.63 -13.24 35.08
CA GLY D 130 -46.08 -11.99 35.68
C GLY D 130 -45.19 -10.78 35.43
N GLU D 131 -44.02 -10.97 34.83
CA GLU D 131 -43.08 -9.86 34.60
C GLU D 131 -43.07 -9.37 33.15
N VAL D 132 -43.82 -10.02 32.26
CA VAL D 132 -43.63 -9.73 30.82
C VAL D 132 -44.04 -8.30 30.43
N GLU D 133 -45.11 -7.79 31.02
CA GLU D 133 -45.58 -6.43 30.71
C GLU D 133 -44.52 -5.41 31.12
N THR D 134 -44.00 -5.57 32.34
CA THR D 134 -42.95 -4.72 32.87
C THR D 134 -41.69 -4.75 32.00
N MET D 135 -41.36 -5.92 31.48
CA MET D 135 -40.19 -6.08 30.62
C MET D 135 -40.38 -5.29 29.34
N LEU D 136 -41.59 -5.34 28.77
CA LEU D 136 -41.92 -4.60 27.55
C LEU D 136 -41.93 -3.10 27.82
N ASP D 137 -42.54 -2.67 28.93
CA ASP D 137 -42.56 -1.26 29.30
C ASP D 137 -41.15 -0.68 29.42
N ARG D 138 -40.27 -1.37 30.15
CA ARG D 138 -38.91 -0.90 30.33
C ARG D 138 -38.20 -0.69 28.98
N TYR D 139 -38.30 -1.68 28.09
CA TYR D 139 -37.66 -1.59 26.79
C TYR D 139 -38.15 -0.39 26.01
N PHE D 140 -39.47 -0.29 25.89
CA PHE D 140 -40.06 0.68 24.96
C PHE D 140 -40.04 2.10 25.48
N GLU D 141 -40.12 2.26 26.79
CA GLU D 141 -39.91 3.56 27.42
C GLU D 141 -38.46 4.08 27.21
N ALA D 142 -37.47 3.18 27.21
CA ALA D 142 -36.07 3.53 26.90
C ALA D 142 -35.86 3.78 25.39
N LEU D 144 -36.52 2.98 24.55
CA LEU D 144 -36.46 3.17 23.10
C LEU D 144 -37.28 4.37 22.66
#